data_7JXC
#
_entry.id   7JXC
#
_cell.length_a   56.439
_cell.length_b   70.680
_cell.length_c   115.600
_cell.angle_alpha   90.000
_cell.angle_beta   90.000
_cell.angle_gamma   90.000
#
_symmetry.space_group_name_H-M   'P 21 21 21'
#
loop_
_entity.id
_entity.type
_entity.pdbx_description
1 polymer 'S2H14 antigen-binding (Fab) fragment'
2 polymer 'S2H14 antigen-binding (Fab) fragment'
3 non-polymer 'NONAETHYLENE GLYCOL'
4 water water
#
loop_
_entity_poly.entity_id
_entity_poly.type
_entity_poly.pdbx_seq_one_letter_code
_entity_poly.pdbx_strand_id
1 'polypeptide(L)'
;EVQLVESGGGLVKPGGSLRLSCAASGFTFSNAWMSWVRQAPGKGLEWVGRIKSKTDGGTTDYAAPVKGRFTISRDDSKNT
LYLQMNSLKTEDTAVYYCTTGSETYYYDSSGPFDYWGQGTLVTVSSASTKGPSVFPLAPSSKSTSGGTAALGCLVKDYFP
EPVTVSWNSGALTSGVHTFPAVLQSSGLYSLSSVVTVPSSSLGTQTYICNVNHKPSNTKVDKKVEPKSCDKTHTC
;
H
2 'polypeptide(L)'
;NFMLTQPHSVSESPGKTVTISCTRSSGSIASNYVQWYQQRPGSSPTTVIYEDNQRPSGVPDRFSGSIDSSSNSASLTISG
LKTEDEADYYCQSYDSSNQVFGGGTKLTVLGQPKAAPSVTLFPPSSEELQANKATLVCLISDFYPGAVTVAWKADSSPVK
AGVETTTPSKQSNNKYAASSYLSLTPEQWKSHRSYSCQVTHEGSTVEKTVAPTEC
;
L
#
loop_
_chem_comp.id
_chem_comp.type
_chem_comp.name
_chem_comp.formula
2PE non-polymer 'NONAETHYLENE GLYCOL' 'C18 H38 O10'
#
# COMPACT_ATOMS: atom_id res chain seq x y z
N GLU A 1 8.01 -28.55 10.00
CA GLU A 1 7.92 -29.68 9.09
C GLU A 1 7.02 -29.38 7.89
N VAL A 2 5.99 -28.57 8.13
CA VAL A 2 5.08 -28.15 7.06
C VAL A 2 5.83 -27.31 6.05
N GLN A 3 5.59 -27.57 4.76
CA GLN A 3 6.19 -26.75 3.72
C GLN A 3 5.11 -26.44 2.69
N LEU A 4 5.12 -25.20 2.16
CA LEU A 4 4.24 -24.80 1.07
C LEU A 4 5.08 -24.02 0.07
N VAL A 5 5.51 -24.70 -1.00
CA VAL A 5 6.40 -24.11 -1.99
C VAL A 5 5.55 -23.61 -3.14
N GLU A 6 5.34 -22.30 -3.19
CA GLU A 6 4.67 -21.69 -4.33
C GLU A 6 5.60 -21.64 -5.54
N SER A 7 5.01 -21.57 -6.73
CA SER A 7 5.77 -21.33 -7.95
C SER A 7 4.81 -20.87 -9.03
N GLY A 8 5.38 -20.39 -10.13
CA GLY A 8 4.62 -19.79 -11.20
C GLY A 8 4.44 -18.29 -11.00
N GLY A 9 4.03 -17.64 -12.06
CA GLY A 9 3.71 -16.23 -11.89
C GLY A 9 4.85 -15.32 -12.31
N GLY A 10 4.48 -14.16 -12.84
CA GLY A 10 5.42 -13.17 -13.34
C GLY A 10 4.65 -12.02 -13.97
N LEU A 11 5.21 -11.46 -15.04
CA LEU A 11 4.45 -10.52 -15.84
C LEU A 11 3.46 -11.23 -16.77
N VAL A 12 2.39 -10.51 -17.11
CA VAL A 12 1.37 -10.96 -18.04
C VAL A 12 0.53 -9.75 -18.46
N LYS A 13 0.20 -9.66 -19.73
CA LYS A 13 -0.78 -8.67 -20.16
C LYS A 13 -2.13 -8.95 -19.52
N PRO A 14 -2.95 -7.92 -19.32
CA PRO A 14 -4.37 -8.15 -19.03
C PRO A 14 -5.01 -9.08 -20.05
N GLY A 15 -5.88 -9.97 -19.57
CA GLY A 15 -6.54 -10.93 -20.43
C GLY A 15 -5.78 -12.22 -20.67
N GLY A 16 -4.57 -12.35 -20.11
CA GLY A 16 -3.77 -13.54 -20.29
C GLY A 16 -4.05 -14.57 -19.22
N SER A 17 -3.26 -15.65 -19.25
CA SER A 17 -3.40 -16.74 -18.31
C SER A 17 -2.09 -16.97 -17.56
N LEU A 18 -2.23 -17.56 -16.38
CA LEU A 18 -1.11 -17.99 -15.54
C LEU A 18 -1.59 -19.12 -14.66
N ARG A 19 -0.77 -20.14 -14.50
CA ARG A 19 -1.04 -21.22 -13.56
C ARG A 19 -0.05 -21.14 -12.42
N LEU A 20 -0.56 -21.07 -11.20
CA LEU A 20 0.25 -21.15 -10.00
C LEU A 20 0.13 -22.54 -9.41
N SER A 21 1.20 -23.00 -8.77
CA SER A 21 1.22 -24.29 -8.12
C SER A 21 1.81 -24.16 -6.73
N CYS A 22 1.30 -24.99 -5.82
CA CYS A 22 1.72 -24.98 -4.42
C CYS A 22 2.07 -26.42 -4.04
N ALA A 23 3.36 -26.70 -3.87
CA ALA A 23 3.81 -28.01 -3.47
C ALA A 23 3.88 -28.10 -1.95
N ALA A 24 3.32 -29.16 -1.39
CA ALA A 24 3.16 -29.30 0.05
C ALA A 24 3.90 -30.53 0.56
N SER A 25 4.47 -30.39 1.76
CA SER A 25 5.06 -31.52 2.48
C SER A 25 4.86 -31.29 3.97
N GLY A 26 4.92 -32.37 4.73
CA GLY A 26 4.78 -32.31 6.18
C GLY A 26 3.38 -32.53 6.70
N PHE A 27 2.40 -32.78 5.82
CA PHE A 27 1.03 -33.06 6.24
C PHE A 27 0.33 -33.78 5.11
N THR A 28 -0.57 -34.70 5.46
CA THR A 28 -1.29 -35.45 4.44
C THR A 28 -2.18 -34.50 3.63
N PHE A 29 -1.62 -34.02 2.52
CA PHE A 29 -2.28 -33.02 1.67
C PHE A 29 -3.64 -33.50 1.18
N SER A 30 -3.81 -34.82 1.01
CA SER A 30 -5.09 -35.34 0.52
C SER A 30 -6.22 -35.05 1.49
N ASN A 31 -5.92 -35.05 2.79
CA ASN A 31 -6.95 -34.93 3.81
C ASN A 31 -7.13 -33.48 4.24
N ALA A 32 -6.53 -32.55 3.52
CA ALA A 32 -6.40 -31.16 3.93
C ALA A 32 -7.22 -30.27 3.03
N TRP A 33 -7.81 -29.23 3.62
CA TRP A 33 -8.45 -28.17 2.87
C TRP A 33 -7.40 -27.11 2.56
N MET A 34 -7.38 -26.64 1.31
CA MET A 34 -6.37 -25.71 0.86
C MET A 34 -7.04 -24.45 0.31
N SER A 35 -6.43 -23.30 0.59
CA SER A 35 -6.96 -22.01 0.17
C SER A 35 -5.87 -21.18 -0.50
N TRP A 36 -6.31 -20.23 -1.32
CA TRP A 36 -5.44 -19.24 -1.93
C TRP A 36 -5.81 -17.86 -1.37
N VAL A 37 -4.80 -17.10 -0.96
CA VAL A 37 -4.99 -15.74 -0.47
C VAL A 37 -4.01 -14.83 -1.18
N ARG A 38 -4.44 -13.63 -1.52
CA ARG A 38 -3.62 -12.68 -2.26
C ARG A 38 -3.51 -11.35 -1.53
N GLN A 39 -2.43 -10.63 -1.81
CA GLN A 39 -2.16 -9.34 -1.18
C GLN A 39 -1.57 -8.41 -2.24
N ALA A 40 -2.34 -7.40 -2.64
CA ALA A 40 -1.82 -6.40 -3.55
C ALA A 40 -0.76 -5.55 -2.83
N PRO A 41 0.18 -4.97 -3.58
CA PRO A 41 1.26 -4.19 -2.94
C PRO A 41 0.70 -3.08 -2.07
N GLY A 42 1.15 -3.06 -0.82
CA GLY A 42 0.70 -2.06 0.14
C GLY A 42 -0.74 -2.17 0.56
N LYS A 43 -1.41 -3.28 0.27
CA LYS A 43 -2.81 -3.48 0.61
C LYS A 43 -2.95 -4.68 1.55
N GLY A 44 -4.19 -5.10 1.77
CA GLY A 44 -4.48 -6.13 2.75
C GLY A 44 -4.74 -7.51 2.14
N LEU A 45 -4.90 -8.48 3.03
CA LEU A 45 -5.15 -9.85 2.62
C LEU A 45 -6.56 -10.00 2.07
N GLU A 46 -6.69 -10.66 0.93
CA GLU A 46 -7.98 -10.93 0.32
C GLU A 46 -8.06 -12.40 -0.05
N TRP A 47 -9.08 -13.08 0.48
CA TRP A 47 -9.29 -14.49 0.17
C TRP A 47 -9.63 -14.66 -1.30
N VAL A 48 -9.00 -15.63 -1.96
CA VAL A 48 -9.24 -15.92 -3.37
C VAL A 48 -10.19 -17.10 -3.54
N GLY A 49 -9.92 -18.20 -2.82
CA GLY A 49 -10.79 -19.35 -2.93
C GLY A 49 -10.24 -20.52 -2.14
N ARG A 50 -11.06 -21.56 -2.05
CA ARG A 50 -10.72 -22.74 -1.28
C ARG A 50 -11.20 -23.97 -2.04
N ILE A 51 -10.42 -25.04 -1.99
CA ILE A 51 -10.87 -26.36 -2.41
C ILE A 51 -10.83 -27.29 -1.21
N LYS A 52 -11.83 -28.15 -1.10
CA LYS A 52 -11.94 -29.02 0.06
C LYS A 52 -11.39 -30.41 -0.27
N SER A 53 -11.11 -31.17 0.78
CA SER A 53 -10.46 -32.46 0.59
C SER A 53 -11.35 -33.38 -0.23
N LYS A 54 -10.74 -34.20 -1.08
CA LYS A 54 -11.51 -35.09 -1.92
C LYS A 54 -12.36 -36.06 -1.10
N THR A 55 -12.03 -36.23 0.19
CA THR A 55 -12.90 -36.96 1.09
C THR A 55 -14.22 -36.21 1.31
N ASP A 56 -14.15 -34.89 1.49
CA ASP A 56 -15.32 -34.05 1.74
C ASP A 56 -15.98 -33.55 0.46
N GLY A 57 -15.76 -34.22 -0.67
CA GLY A 57 -16.38 -33.84 -1.93
C GLY A 57 -15.49 -33.06 -2.87
N GLY A 58 -14.49 -32.35 -2.34
CA GLY A 58 -13.51 -31.70 -3.19
C GLY A 58 -14.04 -30.60 -4.07
N THR A 59 -15.21 -30.04 -3.75
CA THR A 59 -15.73 -28.90 -4.48
C THR A 59 -15.06 -27.60 -4.02
N THR A 60 -15.23 -26.56 -4.84
CA THR A 60 -14.46 -25.33 -4.71
C THR A 60 -15.35 -24.14 -4.40
N ASP A 61 -14.78 -23.18 -3.67
CA ASP A 61 -15.42 -21.91 -3.36
C ASP A 61 -14.53 -20.78 -3.85
N TYR A 62 -15.14 -19.67 -4.23
CA TYR A 62 -14.41 -18.57 -4.83
C TYR A 62 -14.90 -17.25 -4.28
N ALA A 63 -13.97 -16.31 -4.11
CA ALA A 63 -14.35 -14.94 -3.83
C ALA A 63 -15.01 -14.33 -5.06
N ALA A 64 -15.87 -13.34 -4.83
CA ALA A 64 -16.57 -12.69 -5.94
C ALA A 64 -15.64 -12.11 -7.01
N PRO A 65 -14.53 -11.43 -6.69
CA PRO A 65 -13.72 -10.82 -7.76
C PRO A 65 -13.08 -11.82 -8.71
N VAL A 66 -13.05 -13.11 -8.38
CA VAL A 66 -12.40 -14.11 -9.21
C VAL A 66 -13.36 -15.15 -9.74
N LYS A 67 -14.65 -15.04 -9.44
CA LYS A 67 -15.63 -15.98 -9.97
C LYS A 67 -15.69 -15.89 -11.49
N GLY A 68 -15.82 -17.04 -12.14
CA GLY A 68 -15.83 -17.12 -13.59
C GLY A 68 -14.48 -16.99 -14.26
N ARG A 69 -13.46 -16.52 -13.55
CA ARG A 69 -12.16 -16.24 -14.13
C ARG A 69 -11.06 -17.13 -13.59
N PHE A 70 -11.04 -17.43 -12.29
CA PHE A 70 -10.01 -18.25 -11.70
C PHE A 70 -10.56 -19.64 -11.40
N THR A 71 -9.72 -20.66 -11.57
CA THR A 71 -10.09 -22.04 -11.28
C THR A 71 -9.08 -22.62 -10.31
N ILE A 72 -9.59 -23.28 -9.27
CA ILE A 72 -8.78 -23.95 -8.27
C ILE A 72 -8.99 -25.45 -8.42
N SER A 73 -7.89 -26.19 -8.48
CA SER A 73 -7.93 -27.65 -8.54
C SER A 73 -6.81 -28.19 -7.67
N ARG A 74 -6.76 -29.52 -7.56
CA ARG A 74 -5.73 -30.16 -6.75
C ARG A 74 -5.40 -31.52 -7.33
N ASP A 75 -4.12 -31.87 -7.26
CA ASP A 75 -3.62 -33.20 -7.60
C ASP A 75 -3.04 -33.75 -6.30
N ASP A 76 -3.91 -34.23 -5.42
CA ASP A 76 -3.48 -34.68 -4.10
C ASP A 76 -2.78 -36.03 -4.13
N SER A 77 -2.52 -36.57 -5.31
CA SER A 77 -1.52 -37.63 -5.43
C SER A 77 -0.12 -37.05 -5.49
N LYS A 78 0.03 -35.87 -6.10
CA LYS A 78 1.29 -35.16 -6.18
C LYS A 78 1.45 -34.11 -5.09
N ASN A 79 0.47 -34.00 -4.18
CA ASN A 79 0.51 -33.07 -3.06
C ASN A 79 0.66 -31.62 -3.56
N THR A 80 -0.05 -31.30 -4.63
CA THR A 80 0.10 -30.00 -5.27
C THR A 80 -1.27 -29.33 -5.42
N LEU A 81 -1.33 -28.07 -5.02
CA LEU A 81 -2.50 -27.22 -5.21
C LEU A 81 -2.25 -26.30 -6.41
N TYR A 82 -3.31 -26.04 -7.17
CA TYR A 82 -3.19 -25.20 -8.37
C TYR A 82 -4.17 -24.05 -8.32
N LEU A 83 -3.76 -22.91 -8.87
CA LEU A 83 -4.63 -21.78 -9.14
C LEU A 83 -4.50 -21.44 -10.62
N GLN A 84 -5.54 -21.73 -11.39
CA GLN A 84 -5.59 -21.42 -12.81
C GLN A 84 -6.20 -20.05 -12.99
N MET A 85 -5.38 -19.07 -13.35
CA MET A 85 -5.79 -17.68 -13.49
C MET A 85 -6.07 -17.39 -14.96
N ASN A 86 -7.34 -17.22 -15.31
CA ASN A 86 -7.73 -16.79 -16.65
C ASN A 86 -8.32 -15.39 -16.57
N SER A 87 -8.43 -14.75 -17.74
CA SER A 87 -9.00 -13.41 -17.87
C SER A 87 -8.39 -12.44 -16.86
N LEU A 88 -7.06 -12.41 -16.82
CA LEU A 88 -6.37 -11.61 -15.83
C LEU A 88 -6.64 -10.13 -16.04
N LYS A 89 -6.91 -9.44 -14.93
CA LYS A 89 -7.02 -7.99 -14.91
C LYS A 89 -5.81 -7.41 -14.17
N THR A 90 -5.53 -6.13 -14.42
CA THR A 90 -4.47 -5.46 -13.68
C THR A 90 -4.76 -5.45 -12.19
N GLU A 91 -6.05 -5.49 -11.82
CA GLU A 91 -6.44 -5.56 -10.42
C GLU A 91 -6.05 -6.88 -9.75
N ASP A 92 -5.61 -7.88 -10.53
CA ASP A 92 -5.15 -9.13 -9.96
C ASP A 92 -3.70 -9.08 -9.48
N THR A 93 -2.98 -7.99 -9.75
CA THR A 93 -1.60 -7.88 -9.33
C THR A 93 -1.50 -8.01 -7.82
N ALA A 94 -0.77 -9.01 -7.36
CA ALA A 94 -0.67 -9.33 -5.95
C ALA A 94 0.31 -10.47 -5.76
N VAL A 95 0.79 -10.62 -4.52
CA VAL A 95 1.48 -11.83 -4.11
C VAL A 95 0.43 -12.86 -3.73
N TYR A 96 0.59 -14.09 -4.20
CA TYR A 96 -0.41 -15.13 -4.00
C TYR A 96 0.12 -16.18 -3.04
N TYR A 97 -0.59 -16.36 -1.93
CA TYR A 97 -0.26 -17.36 -0.94
C TYR A 97 -1.20 -18.55 -1.04
N CYS A 98 -0.65 -19.75 -0.94
CA CYS A 98 -1.44 -20.93 -0.66
C CYS A 98 -1.41 -21.19 0.84
N THR A 99 -2.56 -21.58 1.39
CA THR A 99 -2.68 -21.80 2.82
C THR A 99 -3.40 -23.12 3.09
N THR A 100 -3.17 -23.66 4.27
CA THR A 100 -3.93 -24.82 4.74
C THR A 100 -4.78 -24.42 5.93
N PHE A 113 -6.77 -20.98 7.73
CA PHE A 113 -5.52 -20.50 7.16
C PHE A 113 -4.39 -20.55 8.17
N ASP A 114 -4.07 -21.74 8.69
CA ASP A 114 -3.06 -21.83 9.74
C ASP A 114 -1.64 -21.68 9.19
N TYR A 115 -1.33 -22.33 8.07
CA TYR A 115 0.00 -22.32 7.50
C TYR A 115 -0.02 -21.59 6.17
N TRP A 116 1.07 -20.86 5.89
CA TRP A 116 1.16 -20.00 4.70
C TRP A 116 2.45 -20.26 3.95
N GLY A 117 2.36 -20.29 2.63
CA GLY A 117 3.53 -20.32 1.79
C GLY A 117 4.22 -18.97 1.76
N GLN A 118 5.36 -18.92 1.07
CA GLN A 118 6.10 -17.68 0.94
C GLN A 118 5.54 -16.76 -0.13
N GLY A 119 4.70 -17.26 -1.01
CA GLY A 119 4.05 -16.44 -2.01
C GLY A 119 4.83 -16.26 -3.30
N THR A 120 4.12 -16.20 -4.42
CA THR A 120 4.68 -15.79 -5.69
C THR A 120 4.03 -14.48 -6.14
N LEU A 121 4.81 -13.66 -6.84
CA LEU A 121 4.32 -12.39 -7.34
C LEU A 121 3.71 -12.58 -8.73
N VAL A 122 2.48 -12.08 -8.90
CA VAL A 122 1.83 -12.01 -10.19
C VAL A 122 1.58 -10.54 -10.51
N THR A 123 2.21 -10.05 -11.56
CA THR A 123 2.05 -8.68 -12.02
C THR A 123 1.31 -8.69 -13.34
N VAL A 124 0.19 -7.99 -13.41
CA VAL A 124 -0.60 -7.87 -14.64
C VAL A 124 -0.52 -6.42 -15.07
N SER A 125 0.17 -6.18 -16.19
CA SER A 125 0.36 -4.82 -16.67
C SER A 125 0.39 -4.82 -18.19
N SER A 126 -0.27 -3.83 -18.79
CA SER A 126 -0.20 -3.61 -20.22
C SER A 126 0.89 -2.61 -20.58
N ALA A 127 1.67 -2.14 -19.61
CA ALA A 127 2.66 -1.10 -19.85
C ALA A 127 3.90 -1.67 -20.51
N SER A 128 4.56 -0.83 -21.31
CA SER A 128 5.81 -1.12 -21.95
C SER A 128 6.69 0.12 -21.84
N THR A 129 7.94 0.01 -22.28
CA THR A 129 8.94 1.03 -21.96
C THR A 129 8.53 2.41 -22.44
N LYS A 130 8.55 3.38 -21.53
CA LYS A 130 8.15 4.75 -21.83
C LYS A 130 8.93 5.70 -20.95
N GLY A 131 9.62 6.66 -21.57
CA GLY A 131 10.34 7.67 -20.84
C GLY A 131 9.41 8.61 -20.11
N PRO A 132 9.92 9.30 -19.09
CA PRO A 132 9.05 10.15 -18.27
C PRO A 132 8.84 11.52 -18.88
N SER A 133 7.75 12.15 -18.45
CA SER A 133 7.52 13.57 -18.65
C SER A 133 7.95 14.31 -17.39
N VAL A 134 8.78 15.33 -17.55
CA VAL A 134 9.35 16.05 -16.42
C VAL A 134 8.80 17.47 -16.44
N PHE A 135 8.17 17.87 -15.33
CA PHE A 135 7.59 19.18 -15.18
C PHE A 135 8.16 19.88 -13.95
N PRO A 136 8.36 21.19 -13.99
CA PRO A 136 8.93 21.88 -12.84
C PRO A 136 7.85 22.18 -11.80
N LEU A 137 8.23 22.02 -10.53
CA LEU A 137 7.38 22.41 -9.41
C LEU A 137 7.96 23.72 -8.88
N ALA A 138 7.48 24.83 -9.45
CA ALA A 138 8.14 26.10 -9.27
C ALA A 138 7.95 26.62 -7.85
N PRO A 139 8.97 27.20 -7.25
CA PRO A 139 8.80 27.83 -5.93
C PRO A 139 7.99 29.12 -6.05
N SER A 140 7.00 29.26 -5.19
CA SER A 140 6.26 30.50 -5.03
C SER A 140 6.36 30.93 -3.57
N SER A 141 5.54 31.91 -3.20
CA SER A 141 5.34 32.20 -1.78
C SER A 141 4.40 31.19 -1.13
N LYS A 142 3.73 30.36 -1.92
CA LYS A 142 2.94 29.24 -1.42
C LYS A 142 3.73 27.93 -1.43
N SER A 143 5.05 28.01 -1.64
CA SER A 143 5.96 26.91 -1.36
C SER A 143 6.92 27.25 -0.23
N THR A 144 6.84 28.46 0.29
CA THR A 144 7.81 28.99 1.25
C THR A 144 7.18 29.03 2.64
N SER A 145 7.79 28.30 3.58
CA SER A 145 7.45 28.39 4.99
C SER A 145 8.68 28.91 5.74
N GLY A 146 8.49 29.95 6.53
CA GLY A 146 9.67 30.64 7.00
C GLY A 146 10.40 31.26 5.82
N GLY A 147 11.72 31.31 5.92
CA GLY A 147 12.52 31.82 4.81
C GLY A 147 13.00 30.73 3.87
N THR A 148 12.38 29.56 3.95
CA THR A 148 12.79 28.38 3.18
C THR A 148 11.76 28.09 2.09
N ALA A 149 12.23 27.96 0.85
CA ALA A 149 11.37 27.73 -0.30
C ALA A 149 11.48 26.28 -0.76
N ALA A 150 10.35 25.71 -1.17
CA ALA A 150 10.31 24.36 -1.72
C ALA A 150 10.17 24.42 -3.23
N LEU A 151 11.02 23.68 -3.93
CA LEU A 151 10.96 23.58 -5.38
C LEU A 151 11.28 22.15 -5.77
N GLY A 152 10.77 21.72 -6.92
CA GLY A 152 10.96 20.34 -7.28
C GLY A 152 10.73 20.06 -8.74
N CYS A 153 10.69 18.76 -9.06
CA CYS A 153 10.43 18.25 -10.40
C CYS A 153 9.44 17.10 -10.32
N LEU A 154 8.43 17.13 -11.18
CA LEU A 154 7.45 16.06 -11.29
C LEU A 154 7.87 15.14 -12.44
N VAL A 155 8.08 13.86 -12.12
CA VAL A 155 8.56 12.88 -13.09
C VAL A 155 7.39 11.95 -13.38
N LYS A 156 6.73 12.16 -14.51
CA LYS A 156 5.39 11.65 -14.78
C LYS A 156 5.38 10.59 -15.86
N ASP A 157 4.65 9.51 -15.60
CA ASP A 157 4.24 8.54 -16.63
C ASP A 157 5.43 7.87 -17.31
N TYR A 158 6.19 7.11 -16.52
CA TYR A 158 7.29 6.33 -17.06
C TYR A 158 7.12 4.86 -16.72
N PHE A 159 7.88 4.02 -17.43
CA PHE A 159 7.87 2.58 -17.20
C PHE A 159 9.07 1.98 -17.91
N PRO A 160 9.78 1.03 -17.30
CA PRO A 160 9.59 0.57 -15.93
C PRO A 160 10.45 1.35 -14.93
N GLU A 161 10.38 0.96 -13.66
CA GLU A 161 11.35 1.45 -12.70
C GLU A 161 12.75 0.99 -13.13
N PRO A 162 13.82 1.70 -12.72
CA PRO A 162 13.87 2.87 -11.84
C PRO A 162 14.12 4.20 -12.52
N VAL A 163 13.99 5.28 -11.76
CA VAL A 163 14.38 6.62 -12.16
C VAL A 163 15.33 7.19 -11.13
N THR A 164 16.40 7.84 -11.60
CA THR A 164 17.38 8.52 -10.79
C THR A 164 17.22 10.03 -10.95
N VAL A 165 17.24 10.76 -9.84
CA VAL A 165 17.14 12.22 -9.86
C VAL A 165 18.30 12.80 -9.07
N SER A 166 19.07 13.68 -9.70
CA SER A 166 20.04 14.53 -9.03
C SER A 166 19.67 15.98 -9.29
N TRP A 167 20.33 16.89 -8.58
CA TRP A 167 20.06 18.31 -8.71
C TRP A 167 21.36 19.05 -8.99
N ASN A 168 21.35 19.86 -10.05
CA ASN A 168 22.52 20.63 -10.49
C ASN A 168 23.72 19.71 -10.74
N SER A 169 23.46 18.60 -11.43
CA SER A 169 24.48 17.61 -11.77
C SER A 169 25.15 17.05 -10.51
N GLY A 170 24.36 16.86 -9.46
CA GLY A 170 24.87 16.29 -8.23
C GLY A 170 25.60 17.25 -7.33
N ALA A 171 25.80 18.51 -7.74
CA ALA A 171 26.45 19.49 -6.89
C ALA A 171 25.54 19.98 -5.77
N LEU A 172 24.23 19.84 -5.91
CA LEU A 172 23.28 20.21 -4.88
C LEU A 172 22.69 18.94 -4.28
N THR A 173 23.04 18.66 -3.03
CA THR A 173 22.53 17.49 -2.33
C THR A 173 21.86 17.81 -1.00
N SER A 174 22.09 18.98 -0.42
CA SER A 174 21.47 19.31 0.86
C SER A 174 19.99 19.63 0.66
N GLY A 175 19.15 19.10 1.54
CA GLY A 175 17.73 19.36 1.48
C GLY A 175 17.01 18.70 0.33
N VAL A 176 17.64 17.76 -0.37
CA VAL A 176 17.01 17.06 -1.49
C VAL A 176 16.25 15.85 -0.95
N HIS A 177 15.02 15.66 -1.41
CA HIS A 177 14.24 14.48 -1.04
C HIS A 177 13.50 13.99 -2.28
N THR A 178 13.97 12.88 -2.83
CA THR A 178 13.28 12.20 -3.93
C THR A 178 12.34 11.16 -3.35
N PHE A 179 11.06 11.25 -3.70
CA PHE A 179 10.05 10.38 -3.12
C PHE A 179 9.90 9.10 -3.94
N PRO A 180 9.70 7.96 -3.28
CA PRO A 180 9.43 6.72 -4.00
C PRO A 180 8.26 6.89 -4.95
N ALA A 181 8.31 6.15 -6.06
CA ALA A 181 7.32 6.32 -7.10
C ALA A 181 5.98 5.72 -6.70
N VAL A 182 4.92 6.34 -7.18
CA VAL A 182 3.59 5.75 -7.12
C VAL A 182 3.38 4.92 -8.37
N LEU A 183 2.65 3.81 -8.24
CA LEU A 183 2.30 2.98 -9.37
C LEU A 183 0.84 3.24 -9.70
N GLN A 184 0.59 3.80 -10.88
CA GLN A 184 -0.72 4.31 -11.22
C GLN A 184 -1.60 3.21 -11.82
N SER A 185 -2.92 3.42 -11.72
CA SER A 185 -3.89 2.51 -12.31
C SER A 185 -3.63 2.26 -13.78
N SER A 186 -2.95 3.19 -14.47
CA SER A 186 -2.59 3.01 -15.86
C SER A 186 -1.42 2.06 -16.07
N GLY A 187 -0.74 1.65 -15.01
CA GLY A 187 0.45 0.84 -15.13
C GLY A 187 1.74 1.61 -15.26
N LEU A 188 1.68 2.94 -15.31
CA LEU A 188 2.87 3.77 -15.40
C LEU A 188 3.22 4.35 -14.03
N TYR A 189 4.48 4.73 -13.88
CA TYR A 189 4.99 5.26 -12.63
C TYR A 189 5.08 6.79 -12.69
N SER A 190 4.89 7.40 -11.53
CA SER A 190 5.15 8.82 -11.35
C SER A 190 5.94 9.02 -10.06
N LEU A 191 6.72 10.09 -10.03
CA LEU A 191 7.76 10.29 -9.03
C LEU A 191 8.00 11.78 -8.89
N SER A 192 8.32 12.21 -7.67
CA SER A 192 8.62 13.61 -7.41
C SER A 192 9.91 13.72 -6.63
N SER A 193 10.71 14.72 -6.99
CA SER A 193 11.91 15.10 -6.25
C SER A 193 11.79 16.58 -5.87
N VAL A 194 11.98 16.87 -4.59
CA VAL A 194 11.84 18.23 -4.08
C VAL A 194 13.10 18.58 -3.30
N VAL A 195 13.46 19.86 -3.34
CA VAL A 195 14.59 20.38 -2.58
C VAL A 195 14.18 21.69 -1.92
N THR A 196 14.53 21.84 -0.65
CA THR A 196 14.28 23.07 0.08
C THR A 196 15.54 23.92 0.09
N VAL A 197 15.39 25.21 -0.20
CA VAL A 197 16.51 26.13 -0.33
C VAL A 197 16.14 27.46 0.32
N PRO A 198 17.13 28.27 0.67
CA PRO A 198 16.82 29.62 1.17
C PRO A 198 16.09 30.41 0.10
N SER A 199 14.98 31.03 0.50
CA SER A 199 14.22 31.84 -0.45
C SER A 199 15.05 32.99 -1.02
N SER A 200 16.08 33.42 -0.30
CA SER A 200 16.95 34.52 -0.74
C SER A 200 17.89 34.14 -1.87
N SER A 201 17.94 32.86 -2.25
CA SER A 201 18.80 32.40 -3.33
C SER A 201 17.99 31.97 -4.56
N LEU A 202 16.68 32.23 -4.57
CA LEU A 202 15.88 32.00 -5.77
C LEU A 202 16.26 32.98 -6.86
N GLY A 203 16.59 34.21 -6.50
CA GLY A 203 17.02 35.19 -7.48
C GLY A 203 18.48 35.10 -7.87
N THR A 204 19.28 34.37 -7.08
CA THR A 204 20.72 34.31 -7.28
C THR A 204 21.23 32.96 -7.73
N GLN A 205 20.41 31.91 -7.67
CA GLN A 205 20.88 30.55 -7.89
C GLN A 205 20.01 29.84 -8.92
N THR A 206 20.66 29.09 -9.81
CA THR A 206 19.97 28.29 -10.82
C THR A 206 19.77 26.88 -10.29
N TYR A 207 18.56 26.34 -10.45
CA TYR A 207 18.21 25.01 -9.98
C TYR A 207 17.74 24.17 -11.16
N ILE A 208 18.39 23.03 -11.36
CA ILE A 208 18.08 22.12 -12.45
C ILE A 208 18.04 20.71 -11.90
N CYS A 209 16.96 19.98 -12.17
CA CYS A 209 16.88 18.57 -11.81
C CYS A 209 17.32 17.72 -13.00
N ASN A 210 18.09 16.68 -12.72
CA ASN A 210 18.58 15.76 -13.73
C ASN A 210 17.87 14.43 -13.52
N VAL A 211 16.98 14.08 -14.44
CA VAL A 211 16.16 12.87 -14.35
C VAL A 211 16.73 11.86 -15.34
N ASN A 212 17.18 10.72 -14.84
CA ASN A 212 17.71 9.65 -15.67
C ASN A 212 16.78 8.45 -15.60
N HIS A 213 16.29 8.02 -16.76
CA HIS A 213 15.45 6.83 -16.90
C HIS A 213 16.18 5.90 -17.86
N LYS A 214 17.10 5.10 -17.32
CA LYS A 214 17.90 4.21 -18.16
C LYS A 214 17.09 3.22 -18.99
N PRO A 215 16.00 2.62 -18.50
CA PRO A 215 15.29 1.64 -19.35
C PRO A 215 14.84 2.20 -20.70
N SER A 216 14.60 3.49 -20.81
CA SER A 216 14.23 4.11 -22.08
C SER A 216 15.36 4.93 -22.67
N ASN A 217 16.56 4.87 -22.09
CA ASN A 217 17.72 5.64 -22.55
C ASN A 217 17.38 7.12 -22.65
N THR A 218 16.61 7.61 -21.69
CA THR A 218 16.19 9.00 -21.64
C THR A 218 16.77 9.67 -20.40
N LYS A 219 17.29 10.87 -20.59
CA LYS A 219 17.72 11.74 -19.50
C LYS A 219 17.17 13.13 -19.78
N VAL A 220 16.60 13.76 -18.76
CA VAL A 220 15.96 15.06 -18.90
C VAL A 220 16.54 16.01 -17.85
N ASP A 221 16.99 17.18 -18.30
CA ASP A 221 17.49 18.23 -17.43
C ASP A 221 16.49 19.39 -17.48
N LYS A 222 15.74 19.57 -16.40
CA LYS A 222 14.65 20.53 -16.35
C LYS A 222 15.04 21.70 -15.43
N LYS A 223 15.07 22.90 -16.00
CA LYS A 223 15.31 24.10 -15.21
C LYS A 223 14.03 24.47 -14.45
N VAL A 224 14.18 24.73 -13.15
CA VAL A 224 13.06 25.08 -12.29
C VAL A 224 13.23 26.53 -11.86
N GLU A 225 12.27 27.37 -12.24
CA GLU A 225 12.42 28.81 -12.06
C GLU A 225 11.32 29.35 -11.14
N PRO A 226 11.61 30.43 -10.41
CA PRO A 226 10.59 31.02 -9.54
C PRO A 226 9.43 31.59 -10.34
N LYS A 227 8.24 31.55 -9.73
CA LYS A 227 7.05 32.16 -10.32
C LYS A 227 7.07 33.67 -10.13
N PHE B 2 -20.28 -10.21 4.89
CA PHE B 2 -20.05 -9.19 5.92
C PHE B 2 -18.62 -8.66 5.85
N MET B 3 -18.38 -7.52 6.49
CA MET B 3 -17.06 -6.93 6.57
C MET B 3 -16.52 -7.02 7.99
N LEU B 4 -15.19 -7.04 8.10
CA LEU B 4 -14.49 -6.94 9.37
C LEU B 4 -13.71 -5.64 9.37
N THR B 5 -13.99 -4.77 10.33
CA THR B 5 -13.42 -3.43 10.37
C THR B 5 -12.45 -3.32 11.54
N GLN B 6 -11.22 -2.91 11.23
CA GLN B 6 -10.14 -2.74 12.20
C GLN B 6 -9.68 -1.28 12.21
N PRO B 7 -9.05 -0.84 13.29
CA PRO B 7 -8.41 0.48 13.26
C PRO B 7 -7.22 0.48 12.31
N HIS B 8 -6.98 1.62 11.67
CA HIS B 8 -5.92 1.69 10.67
C HIS B 8 -4.55 1.41 11.28
N SER B 9 -4.26 1.99 12.44
CA SER B 9 -2.94 1.83 13.04
C SER B 9 -3.01 1.97 14.54
N VAL B 10 -2.02 1.38 15.20
CA VAL B 10 -1.90 1.40 16.66
C VAL B 10 -0.41 1.50 16.97
N SER B 11 -0.09 2.23 18.04
CA SER B 11 1.30 2.39 18.44
C SER B 11 1.39 2.49 19.94
N GLU B 12 2.51 2.00 20.49
CA GLU B 12 2.78 2.09 21.91
C GLU B 12 4.26 1.78 22.13
N SER B 13 4.73 2.08 23.35
CA SER B 13 6.13 1.90 23.72
C SER B 13 6.42 0.46 24.12
N PRO B 14 7.69 0.07 24.07
CA PRO B 14 8.09 -1.25 24.58
C PRO B 14 7.61 -1.46 26.01
N GLY B 15 7.19 -2.69 26.30
CA GLY B 15 6.75 -3.06 27.62
C GLY B 15 5.28 -2.81 27.91
N LYS B 16 4.63 -1.92 27.17
CA LYS B 16 3.25 -1.56 27.45
C LYS B 16 2.32 -2.54 26.76
N THR B 17 1.04 -2.17 26.60
CA THR B 17 0.03 -3.09 26.11
C THR B 17 -0.92 -2.38 25.16
N VAL B 18 -1.17 -3.00 24.00
CA VAL B 18 -2.11 -2.50 23.02
C VAL B 18 -3.23 -3.51 22.83
N THR B 19 -4.32 -3.04 22.24
CA THR B 19 -5.43 -3.89 21.84
C THR B 19 -5.91 -3.45 20.47
N ILE B 20 -6.06 -4.41 19.56
CA ILE B 20 -6.59 -4.16 18.22
C ILE B 20 -7.96 -4.81 18.15
N SER B 21 -8.97 -4.02 17.78
CA SER B 21 -10.34 -4.50 17.71
C SER B 21 -10.70 -4.85 16.27
N CYS B 22 -11.81 -5.58 16.12
CA CYS B 22 -12.22 -6.13 14.84
C CYS B 22 -13.74 -6.32 14.89
N THR B 23 -14.47 -5.40 14.26
CA THR B 23 -15.92 -5.34 14.37
C THR B 23 -16.57 -6.01 13.16
N ARG B 24 -17.51 -6.92 13.43
CA ARG B 24 -18.28 -7.55 12.38
C ARG B 24 -19.47 -6.67 11.99
N SER B 25 -19.62 -6.42 10.70
CA SER B 25 -20.66 -5.50 10.23
C SER B 25 -22.03 -6.16 10.21
N SER B 26 -22.13 -7.35 9.61
CA SER B 26 -23.39 -8.08 9.51
C SER B 26 -23.24 -9.44 10.18
N GLY B 27 -24.27 -9.86 10.89
CA GLY B 27 -24.26 -11.15 11.56
C GLY B 27 -23.51 -11.12 12.88
N SER B 28 -23.63 -12.24 13.60
CA SER B 28 -23.08 -12.34 14.94
C SER B 28 -21.58 -12.63 14.90
N ILE B 29 -20.83 -11.98 15.80
CA ILE B 29 -19.41 -12.23 15.90
C ILE B 29 -19.14 -13.58 16.55
N ALA B 30 -19.96 -13.96 17.54
CA ALA B 30 -19.82 -15.26 18.16
C ALA B 30 -20.18 -16.39 17.20
N SER B 31 -20.92 -16.08 16.14
CA SER B 31 -21.38 -17.10 15.20
C SER B 31 -20.23 -17.90 14.61
N ASN B 32 -19.10 -17.27 14.34
CA ASN B 32 -18.03 -17.94 13.63
C ASN B 32 -16.69 -17.65 14.30
N TYR B 33 -15.78 -18.62 14.18
CA TYR B 33 -14.47 -18.50 14.78
C TYR B 33 -13.71 -17.31 14.18
N VAL B 34 -12.87 -16.69 15.02
CA VAL B 34 -12.10 -15.52 14.62
C VAL B 34 -10.63 -15.84 14.78
N GLN B 35 -9.84 -15.52 13.75
CA GLN B 35 -8.41 -15.76 13.74
C GLN B 35 -7.66 -14.44 13.61
N TRP B 36 -6.42 -14.43 14.09
CA TRP B 36 -5.55 -13.26 14.01
C TRP B 36 -4.23 -13.67 13.39
N TYR B 37 -3.75 -12.89 12.42
CA TYR B 37 -2.48 -13.14 11.78
C TYR B 37 -1.54 -11.96 11.95
N GLN B 38 -0.27 -12.28 12.20
CA GLN B 38 0.79 -11.29 12.26
C GLN B 38 1.54 -11.30 10.93
N GLN B 39 1.78 -10.12 10.37
CA GLN B 39 2.56 -9.98 9.15
C GLN B 39 3.62 -8.91 9.34
N ARG B 40 4.88 -9.35 9.41
CA ARG B 40 6.01 -8.44 9.46
C ARG B 40 6.32 -7.93 8.05
N PRO B 41 7.08 -6.84 7.94
CA PRO B 41 7.46 -6.35 6.61
C PRO B 41 8.11 -7.43 5.75
N GLY B 42 7.69 -7.49 4.49
CA GLY B 42 8.26 -8.42 3.53
C GLY B 42 8.11 -9.88 3.89
N SER B 43 7.13 -10.23 4.72
CA SER B 43 7.01 -11.58 5.25
C SER B 43 5.59 -12.11 5.04
N SER B 44 5.48 -13.43 4.95
CA SER B 44 4.17 -14.04 4.87
C SER B 44 3.53 -14.08 6.25
N PRO B 45 2.20 -14.08 6.32
CA PRO B 45 1.52 -13.99 7.62
C PRO B 45 1.70 -15.24 8.49
N THR B 46 1.69 -15.00 9.79
CA THR B 46 1.72 -16.03 10.83
C THR B 46 0.43 -16.00 11.64
N THR B 47 -0.14 -17.18 11.88
CA THR B 47 -1.29 -17.28 12.78
C THR B 47 -0.83 -17.04 14.21
N VAL B 48 -1.47 -16.08 14.88
CA VAL B 48 -1.05 -15.70 16.23
C VAL B 48 -2.16 -16.03 17.22
N ILE B 49 -3.40 -16.00 16.77
CA ILE B 49 -4.56 -16.39 17.57
C ILE B 49 -5.57 -17.05 16.63
N TYR B 50 -6.19 -18.13 17.10
CA TYR B 50 -7.19 -18.83 16.31
C TYR B 50 -8.31 -19.31 17.23
N GLU B 51 -9.45 -19.62 16.61
CA GLU B 51 -10.66 -20.03 17.32
C GLU B 51 -10.94 -19.10 18.51
N ASP B 52 -10.92 -17.80 18.21
CA ASP B 52 -11.26 -16.71 19.13
C ASP B 52 -10.15 -16.43 20.15
N ASN B 53 -9.69 -17.43 20.90
CA ASN B 53 -8.75 -17.13 21.97
C ASN B 53 -7.61 -18.13 22.09
N GLN B 54 -7.37 -18.96 21.08
CA GLN B 54 -6.37 -20.03 21.19
C GLN B 54 -5.05 -19.60 20.55
N ARG B 55 -3.95 -19.91 21.24
CA ARG B 55 -2.59 -19.64 20.77
C ARG B 55 -1.99 -20.88 20.13
N PRO B 56 -1.48 -20.79 18.90
CA PRO B 56 -0.69 -21.90 18.36
C PRO B 56 0.61 -22.04 19.13
N SER B 57 1.17 -23.24 19.08
CA SER B 57 2.45 -23.49 19.74
C SER B 57 3.52 -22.58 19.16
N GLY B 58 4.33 -22.00 20.03
CA GLY B 58 5.34 -21.05 19.61
C GLY B 58 4.93 -19.60 19.63
N VAL B 59 3.74 -19.30 20.12
CA VAL B 59 3.25 -17.93 20.26
C VAL B 59 3.19 -17.60 21.75
N PRO B 60 3.82 -16.52 22.20
CA PRO B 60 3.88 -16.26 23.65
C PRO B 60 2.54 -15.82 24.20
N ASP B 61 2.34 -16.10 25.49
CA ASP B 61 1.11 -15.73 26.19
C ASP B 61 0.93 -14.23 26.36
N ARG B 62 1.87 -13.42 25.86
CA ARG B 62 1.62 -11.99 25.73
C ARG B 62 0.49 -11.72 24.75
N PHE B 63 0.29 -12.61 23.80
CA PHE B 63 -0.77 -12.48 22.81
C PHE B 63 -2.03 -13.17 23.30
N SER B 64 -3.14 -12.44 23.31
CA SER B 64 -4.42 -12.96 23.81
C SER B 64 -5.55 -12.41 22.97
N GLY B 65 -6.55 -13.25 22.70
CA GLY B 65 -7.70 -12.86 21.91
C GLY B 65 -8.98 -12.98 22.73
N SER B 66 -9.97 -12.17 22.35
CA SER B 66 -11.22 -12.12 23.09
C SER B 66 -12.36 -11.74 22.15
N ILE B 67 -13.58 -11.92 22.64
CA ILE B 67 -14.80 -11.62 21.89
C ILE B 67 -15.71 -10.79 22.79
N ASP B 68 -16.32 -9.75 22.21
CA ASP B 68 -17.30 -8.94 22.92
C ASP B 68 -18.58 -8.89 22.07
N SER B 69 -19.56 -9.72 22.43
CA SER B 69 -20.84 -9.70 21.72
C SER B 69 -21.49 -8.32 21.82
N SER B 70 -21.17 -7.57 22.88
CA SER B 70 -21.75 -6.26 23.10
C SER B 70 -21.58 -5.35 21.90
N SER B 71 -20.36 -5.25 21.39
CA SER B 71 -20.03 -4.42 20.25
C SER B 71 -19.77 -5.23 18.98
N ASN B 72 -20.17 -6.51 18.97
CA ASN B 72 -19.94 -7.41 17.84
C ASN B 72 -18.47 -7.38 17.42
N SER B 73 -17.59 -7.46 18.42
CA SER B 73 -16.18 -7.19 18.22
C SER B 73 -15.32 -8.34 18.71
N ALA B 74 -14.28 -8.65 17.94
CA ALA B 74 -13.17 -9.46 18.41
C ALA B 74 -11.99 -8.53 18.69
N SER B 75 -11.13 -8.94 19.61
CA SER B 75 -10.00 -8.10 19.98
C SER B 75 -8.75 -8.95 20.16
N LEU B 76 -7.62 -8.38 19.75
CA LEU B 76 -6.30 -8.95 19.97
C LEU B 76 -5.54 -8.04 20.92
N THR B 77 -4.99 -8.62 21.98
CA THR B 77 -4.26 -7.87 22.98
C THR B 77 -2.82 -8.40 23.08
N ILE B 78 -1.87 -7.48 23.16
CA ILE B 78 -0.45 -7.83 23.27
C ILE B 78 0.12 -7.08 24.46
N SER B 79 0.49 -7.82 25.51
CA SER B 79 1.14 -7.23 26.67
C SER B 79 2.66 -7.24 26.48
N GLY B 80 3.32 -6.37 27.24
CA GLY B 80 4.77 -6.23 27.20
C GLY B 80 5.36 -6.18 25.80
N LEU B 81 5.00 -5.15 25.03
CA LEU B 81 5.38 -5.10 23.62
C LEU B 81 6.88 -5.27 23.45
N LYS B 82 7.26 -6.11 22.50
CA LYS B 82 8.64 -6.28 22.07
C LYS B 82 8.82 -5.66 20.69
N THR B 83 10.09 -5.38 20.36
CA THR B 83 10.42 -4.91 19.01
C THR B 83 9.86 -5.82 17.94
N GLU B 84 9.97 -7.14 18.13
CA GLU B 84 9.50 -8.06 17.10
C GLU B 84 7.99 -8.05 16.94
N ASP B 85 7.25 -7.42 17.85
CA ASP B 85 5.80 -7.32 17.71
C ASP B 85 5.38 -6.31 16.66
N GLU B 86 6.28 -5.43 16.21
CA GLU B 86 5.94 -4.44 15.19
C GLU B 86 5.64 -5.15 13.89
N ALA B 87 4.39 -5.07 13.45
CA ALA B 87 3.93 -5.77 12.26
C ALA B 87 2.53 -5.27 11.94
N ASP B 88 1.94 -5.83 10.89
CA ASP B 88 0.54 -5.61 10.56
C ASP B 88 -0.26 -6.81 11.05
N TYR B 89 -1.44 -6.53 11.62
CA TYR B 89 -2.26 -7.56 12.22
C TYR B 89 -3.62 -7.62 11.54
N TYR B 90 -4.01 -8.81 11.10
CA TYR B 90 -5.25 -9.03 10.37
C TYR B 90 -6.13 -9.99 11.15
N CYS B 91 -7.39 -9.61 11.36
CA CYS B 91 -8.39 -10.54 11.85
C CYS B 91 -9.12 -11.17 10.67
N GLN B 92 -9.74 -12.33 10.93
CA GLN B 92 -10.53 -12.99 9.89
C GLN B 92 -11.47 -13.99 10.51
N SER B 93 -12.61 -14.20 9.83
CA SER B 93 -13.64 -15.12 10.28
C SER B 93 -14.28 -15.79 9.07
N TYR B 94 -15.15 -16.75 9.36
CA TYR B 94 -15.87 -17.51 8.35
C TYR B 94 -17.29 -17.00 8.22
N ASP B 95 -17.89 -17.18 7.04
CA ASP B 95 -19.27 -16.79 6.80
C ASP B 95 -20.07 -18.05 6.44
N SER B 96 -21.32 -17.83 6.04
CA SER B 96 -22.18 -18.93 5.62
C SER B 96 -21.57 -19.77 4.51
N SER B 97 -20.49 -19.29 3.89
CA SER B 97 -19.58 -20.10 3.07
C SER B 97 -18.38 -19.28 2.61
N ASN B 98 -18.20 -18.07 3.16
CA ASN B 98 -17.17 -17.15 2.69
C ASN B 98 -15.92 -17.23 3.57
N GLN B 99 -15.01 -16.29 3.35
CA GLN B 99 -13.83 -16.10 4.19
C GLN B 99 -13.48 -14.63 4.12
N VAL B 100 -13.62 -13.93 5.24
CA VAL B 100 -13.50 -12.48 5.30
C VAL B 100 -12.27 -12.12 6.11
N PHE B 101 -11.45 -11.21 5.59
CA PHE B 101 -10.33 -10.65 6.30
C PHE B 101 -10.65 -9.22 6.72
N GLY B 102 -10.14 -8.83 7.89
CA GLY B 102 -10.17 -7.43 8.27
C GLY B 102 -9.25 -6.60 7.40
N GLY B 103 -9.48 -5.30 7.40
CA GLY B 103 -8.64 -4.40 6.62
C GLY B 103 -7.19 -4.39 7.06
N GLY B 104 -6.91 -4.83 8.28
CA GLY B 104 -5.55 -4.85 8.79
C GLY B 104 -5.25 -3.65 9.66
N THR B 105 -4.33 -3.84 10.61
CA THR B 105 -3.93 -2.79 11.52
C THR B 105 -2.42 -2.77 11.63
N LYS B 106 -1.83 -1.60 11.42
CA LYS B 106 -0.40 -1.42 11.53
C LYS B 106 -0.03 -1.13 12.98
N LEU B 107 0.81 -1.98 13.57
CA LEU B 107 1.26 -1.82 14.94
C LEU B 107 2.71 -1.36 14.92
N THR B 108 2.94 -0.14 15.43
CA THR B 108 4.28 0.40 15.58
C THR B 108 4.70 0.30 17.04
N VAL B 109 5.86 -0.31 17.28
CA VAL B 109 6.48 -0.29 18.59
C VAL B 109 7.41 0.91 18.64
N LEU B 110 7.01 1.94 19.38
CA LEU B 110 7.68 3.24 19.31
C LEU B 110 9.14 3.15 19.73
N GLY B 111 10.03 3.59 18.84
CA GLY B 111 11.46 3.60 19.12
C GLY B 111 12.06 4.98 19.03
N GLN B 112 11.23 5.97 18.72
CA GLN B 112 11.61 7.36 18.71
C GLN B 112 10.36 8.18 18.98
N PRO B 113 10.51 9.46 19.36
CA PRO B 113 9.32 10.29 19.57
C PRO B 113 8.47 10.37 18.31
N LYS B 114 7.17 10.52 18.51
CA LYS B 114 6.27 10.70 17.39
C LYS B 114 6.58 12.02 16.67
N ALA B 115 6.19 12.08 15.40
CA ALA B 115 6.52 13.24 14.58
C ALA B 115 5.40 13.47 13.57
N ALA B 116 4.89 14.70 13.55
CA ALA B 116 3.81 15.06 12.64
C ALA B 116 4.34 15.22 11.22
N PRO B 117 3.51 14.92 10.22
CA PRO B 117 3.96 15.04 8.83
C PRO B 117 4.12 16.50 8.42
N SER B 118 5.16 16.76 7.63
CA SER B 118 5.29 18.01 6.91
C SER B 118 4.70 17.82 5.52
N VAL B 119 3.80 18.72 5.12
CA VAL B 119 3.04 18.58 3.88
C VAL B 119 3.29 19.78 3.00
N THR B 120 3.67 19.52 1.75
CA THR B 120 3.87 20.53 0.72
C THR B 120 3.04 20.15 -0.49
N LEU B 121 2.15 21.04 -0.92
CA LEU B 121 1.24 20.78 -2.02
C LEU B 121 1.57 21.71 -3.19
N PHE B 122 1.85 21.12 -4.35
CA PHE B 122 2.18 21.89 -5.55
C PHE B 122 1.00 21.88 -6.50
N PRO B 123 0.63 23.03 -7.08
CA PRO B 123 -0.40 23.05 -8.11
C PRO B 123 0.16 22.51 -9.41
N PRO B 124 -0.69 22.32 -10.43
CA PRO B 124 -0.15 21.94 -11.74
C PRO B 124 0.73 23.05 -12.30
N SER B 125 1.89 22.65 -12.83
CA SER B 125 2.72 23.60 -13.54
C SER B 125 2.03 24.06 -14.81
N SER B 126 2.32 25.30 -15.22
CA SER B 126 1.74 25.80 -16.46
C SER B 126 2.26 25.02 -17.66
N GLU B 127 3.51 24.53 -17.58
CA GLU B 127 4.03 23.64 -18.62
C GLU B 127 3.12 22.43 -18.81
N GLU B 128 2.70 21.83 -17.69
CA GLU B 128 1.80 20.68 -17.79
C GLU B 128 0.41 21.11 -18.26
N LEU B 129 -0.10 22.23 -17.73
CA LEU B 129 -1.38 22.74 -18.17
C LEU B 129 -1.40 23.00 -19.68
N GLN B 130 -0.30 23.54 -20.20
CA GLN B 130 -0.23 23.82 -21.63
C GLN B 130 -0.05 22.55 -22.46
N ALA B 131 0.20 21.41 -21.83
CA ALA B 131 0.17 20.12 -22.50
C ALA B 131 -1.11 19.35 -22.20
N ASN B 132 -2.18 20.08 -21.87
CA ASN B 132 -3.51 19.52 -21.64
C ASN B 132 -3.55 18.54 -20.47
N LYS B 133 -2.63 18.66 -19.53
CA LYS B 133 -2.59 17.80 -18.35
C LYS B 133 -2.55 18.66 -17.10
N ALA B 134 -2.87 18.04 -15.96
CA ALA B 134 -2.89 18.74 -14.69
C ALA B 134 -2.78 17.73 -13.57
N THR B 135 -1.72 17.83 -12.77
CA THR B 135 -1.49 16.91 -11.66
C THR B 135 -1.17 17.72 -10.41
N LEU B 136 -1.90 17.44 -9.34
CA LEU B 136 -1.63 18.03 -8.03
C LEU B 136 -0.75 17.07 -7.24
N VAL B 137 0.36 17.59 -6.73
CA VAL B 137 1.38 16.79 -6.07
C VAL B 137 1.40 17.14 -4.58
N CYS B 138 1.15 16.15 -3.73
CA CYS B 138 1.11 16.34 -2.28
C CYS B 138 2.21 15.51 -1.65
N LEU B 139 3.25 16.18 -1.16
CA LEU B 139 4.43 15.51 -0.61
C LEU B 139 4.38 15.52 0.91
N ILE B 140 4.51 14.33 1.50
CA ILE B 140 4.36 14.11 2.94
C ILE B 140 5.64 13.48 3.44
N SER B 141 6.24 14.06 4.47
CA SER B 141 7.52 13.56 4.94
C SER B 141 7.69 13.81 6.44
N ASP B 142 8.67 13.12 7.02
CA ASP B 142 9.12 13.31 8.39
C ASP B 142 8.08 12.90 9.43
N PHE B 143 7.24 11.91 9.13
CA PHE B 143 6.25 11.48 10.10
C PHE B 143 6.60 10.11 10.68
N TYR B 144 6.20 9.91 11.93
CA TYR B 144 6.41 8.69 12.68
C TYR B 144 5.32 8.56 13.74
N PRO B 145 4.64 7.41 13.85
CA PRO B 145 4.81 6.18 13.07
C PRO B 145 4.47 6.32 11.59
N GLY B 146 4.83 5.32 10.80
CA GLY B 146 4.63 5.39 9.36
C GLY B 146 3.25 4.93 8.92
N ALA B 147 2.22 5.66 9.35
CA ALA B 147 0.86 5.30 9.02
C ALA B 147 0.04 6.57 8.84
N VAL B 148 -0.31 6.88 7.59
CA VAL B 148 -1.13 8.04 7.27
C VAL B 148 -2.28 7.58 6.38
N THR B 149 -3.35 8.36 6.42
CA THR B 149 -4.40 8.30 5.40
C THR B 149 -4.48 9.66 4.73
N VAL B 150 -4.64 9.66 3.40
CA VAL B 150 -4.67 10.88 2.62
C VAL B 150 -6.02 10.98 1.93
N ALA B 151 -6.66 12.14 2.06
CA ALA B 151 -7.90 12.44 1.38
C ALA B 151 -7.74 13.73 0.60
N TRP B 152 -8.62 13.94 -0.38
CA TRP B 152 -8.58 15.13 -1.21
C TRP B 152 -9.95 15.79 -1.23
N LYS B 153 -9.94 17.10 -1.47
CA LYS B 153 -11.17 17.86 -1.61
C LYS B 153 -11.07 18.80 -2.80
N ALA B 154 -12.14 18.85 -3.59
CA ALA B 154 -12.33 19.89 -4.60
C ALA B 154 -13.31 20.89 -4.02
N ASP B 155 -12.84 22.11 -3.75
CA ASP B 155 -13.56 23.03 -2.90
C ASP B 155 -13.85 22.34 -1.57
N SER B 156 -15.12 22.10 -1.25
CA SER B 156 -15.48 21.40 -0.02
C SER B 156 -15.89 19.95 -0.24
N SER B 157 -15.85 19.45 -1.47
CA SER B 157 -16.35 18.10 -1.71
C SER B 157 -15.22 17.09 -1.72
N PRO B 158 -15.43 15.91 -1.14
CA PRO B 158 -14.39 14.87 -1.17
C PRO B 158 -14.21 14.31 -2.58
N VAL B 159 -12.96 14.21 -3.02
CA VAL B 159 -12.65 13.73 -4.36
C VAL B 159 -12.65 12.20 -4.35
N LYS B 160 -13.39 11.61 -5.28
CA LYS B 160 -13.61 10.17 -5.31
C LYS B 160 -12.91 9.45 -6.46
N ALA B 161 -12.13 10.16 -7.27
CA ALA B 161 -11.45 9.53 -8.40
C ALA B 161 -10.24 10.35 -8.78
N GLY B 162 -9.26 9.68 -9.40
CA GLY B 162 -8.05 10.33 -9.82
C GLY B 162 -7.01 10.52 -8.74
N VAL B 163 -7.02 9.71 -7.70
CA VAL B 163 -6.10 9.83 -6.57
C VAL B 163 -5.20 8.61 -6.54
N GLU B 164 -3.89 8.83 -6.58
CA GLU B 164 -2.89 7.78 -6.39
C GLU B 164 -2.03 8.15 -5.20
N THR B 165 -1.84 7.22 -4.28
CA THR B 165 -1.13 7.48 -3.04
C THR B 165 -0.18 6.34 -2.74
N THR B 166 1.06 6.68 -2.38
CA THR B 166 2.04 5.67 -2.00
C THR B 166 1.82 5.23 -0.56
N THR B 167 2.30 4.03 -0.26
CA THR B 167 2.43 3.62 1.14
C THR B 167 3.69 4.25 1.74
N PRO B 168 3.72 4.42 3.06
CA PRO B 168 4.88 5.07 3.68
C PRO B 168 6.18 4.31 3.43
N SER B 169 7.24 5.08 3.15
CA SER B 169 8.57 4.55 2.89
C SER B 169 9.51 5.11 3.95
N LYS B 170 10.44 4.29 4.43
CA LYS B 170 11.27 4.75 5.53
C LYS B 170 12.42 5.59 4.95
N GLN B 171 12.57 6.82 5.47
CA GLN B 171 13.66 7.67 5.02
C GLN B 171 14.87 7.44 5.92
N SER B 172 15.95 8.17 5.64
CA SER B 172 17.23 7.88 6.29
C SER B 172 17.28 8.33 7.75
N ASN B 173 16.42 9.26 8.16
CA ASN B 173 16.33 9.65 9.56
C ASN B 173 15.39 8.76 10.35
N ASN B 174 14.97 7.63 9.77
CA ASN B 174 14.08 6.63 10.34
C ASN B 174 12.64 7.10 10.44
N LYS B 175 12.31 8.30 9.99
CA LYS B 175 10.92 8.69 9.84
C LYS B 175 10.43 8.21 8.47
N TYR B 176 9.24 8.64 8.05
CA TYR B 176 8.61 8.09 6.86
C TYR B 176 8.14 9.19 5.92
N ALA B 177 8.13 8.87 4.64
CA ALA B 177 7.65 9.75 3.58
C ALA B 177 6.54 9.07 2.79
N ALA B 178 5.76 9.88 2.09
CA ALA B 178 4.68 9.38 1.25
C ALA B 178 4.29 10.46 0.26
N SER B 179 3.51 10.06 -0.75
CA SER B 179 3.12 10.95 -1.84
C SER B 179 1.70 10.64 -2.27
N SER B 180 0.92 11.68 -2.53
CA SER B 180 -0.40 11.54 -3.13
C SER B 180 -0.49 12.43 -4.36
N TYR B 181 -1.13 11.92 -5.40
CA TYR B 181 -1.28 12.63 -6.66
C TYR B 181 -2.76 12.69 -7.03
N LEU B 182 -3.22 13.86 -7.47
CA LEU B 182 -4.57 14.04 -7.97
C LEU B 182 -4.48 14.51 -9.42
N SER B 183 -5.07 13.74 -10.34
CA SER B 183 -5.05 14.05 -11.75
C SER B 183 -6.34 14.75 -12.16
N LEU B 184 -6.21 15.84 -12.92
CA LEU B 184 -7.34 16.60 -13.43
C LEU B 184 -7.06 16.98 -14.87
N THR B 185 -8.10 17.42 -15.55
CA THR B 185 -7.87 18.12 -16.80
C THR B 185 -7.68 19.61 -16.51
N PRO B 186 -7.05 20.35 -17.43
CA PRO B 186 -6.94 21.81 -17.22
C PRO B 186 -8.28 22.49 -17.02
N GLU B 187 -9.35 22.00 -17.64
CA GLU B 187 -10.66 22.59 -17.44
C GLU B 187 -11.16 22.37 -16.01
N GLN B 188 -10.96 21.18 -15.46
CA GLN B 188 -11.38 20.90 -14.09
C GLN B 188 -10.61 21.78 -13.10
N TRP B 189 -9.29 21.87 -13.29
CA TRP B 189 -8.46 22.66 -12.39
C TRP B 189 -8.94 24.10 -12.32
N LYS B 190 -9.20 24.71 -13.48
CA LYS B 190 -9.57 26.12 -13.52
C LYS B 190 -11.01 26.38 -13.10
N SER B 191 -11.86 25.35 -13.07
CA SER B 191 -13.28 25.53 -12.76
C SER B 191 -13.60 25.33 -11.29
N HIS B 192 -12.60 25.29 -10.41
CA HIS B 192 -12.81 25.15 -8.98
C HIS B 192 -12.03 26.23 -8.24
N ARG B 193 -12.59 26.69 -7.12
CA ARG B 193 -11.93 27.74 -6.36
C ARG B 193 -10.69 27.23 -5.61
N SER B 194 -10.68 25.96 -5.22
CA SER B 194 -9.53 25.43 -4.49
C SER B 194 -9.58 23.91 -4.47
N TYR B 195 -8.41 23.32 -4.24
CA TYR B 195 -8.25 21.89 -4.01
C TYR B 195 -7.40 21.69 -2.76
N SER B 196 -7.66 20.62 -2.03
CA SER B 196 -7.00 20.37 -0.75
C SER B 196 -6.48 18.95 -0.67
N CYS B 197 -5.28 18.82 -0.11
CA CYS B 197 -4.72 17.54 0.31
C CYS B 197 -4.75 17.48 1.83
N GLN B 198 -5.44 16.48 2.37
CA GLN B 198 -5.61 16.33 3.81
C GLN B 198 -4.89 15.07 4.27
N VAL B 199 -3.92 15.24 5.16
CA VAL B 199 -3.12 14.14 5.68
C VAL B 199 -3.50 13.92 7.14
N THR B 200 -3.99 12.72 7.45
CA THR B 200 -4.35 12.35 8.81
C THR B 200 -3.26 11.45 9.39
N HIS B 201 -2.77 11.81 10.57
CA HIS B 201 -1.68 11.09 11.23
C HIS B 201 -1.93 11.10 12.72
N GLU B 202 -2.16 9.91 13.29
CA GLU B 202 -2.43 9.75 14.73
C GLU B 202 -3.62 10.59 15.16
N GLY B 203 -4.70 10.51 14.39
CA GLY B 203 -5.95 11.17 14.73
C GLY B 203 -5.99 12.66 14.49
N SER B 204 -4.95 13.24 13.90
CA SER B 204 -4.91 14.67 13.63
C SER B 204 -4.54 14.90 12.16
N THR B 205 -5.02 16.02 11.62
CA THR B 205 -5.01 16.25 10.18
C THR B 205 -4.28 17.54 9.85
N VAL B 206 -3.41 17.48 8.84
CA VAL B 206 -2.80 18.65 8.21
C VAL B 206 -3.41 18.79 6.83
N GLU B 207 -4.03 19.95 6.57
CA GLU B 207 -4.62 20.25 5.27
C GLU B 207 -3.82 21.34 4.58
N LYS B 208 -3.46 21.10 3.32
CA LYS B 208 -2.84 22.10 2.47
C LYS B 208 -3.75 22.36 1.27
N THR B 209 -3.91 23.63 0.93
CA THR B 209 -4.80 24.06 -0.14
C THR B 209 -4.02 24.81 -1.20
N VAL B 210 -4.39 24.62 -2.46
CA VAL B 210 -3.92 25.45 -3.56
C VAL B 210 -5.15 25.93 -4.32
N ALA B 211 -4.95 26.98 -5.12
CA ALA B 211 -6.03 27.58 -5.86
C ALA B 211 -5.54 27.99 -7.24
N PRO B 212 -6.38 27.83 -8.27
CA PRO B 212 -5.96 28.24 -9.62
C PRO B 212 -5.66 29.72 -9.75
N THR B 213 -6.11 30.53 -8.78
CA THR B 213 -5.99 31.98 -8.88
C THR B 213 -4.88 32.56 -8.02
N GLU B 214 -4.41 31.84 -7.00
CA GLU B 214 -3.33 32.32 -6.17
C GLU B 214 -1.97 31.89 -6.73
O1 2PE C . 6.19 -11.45 1.06
C2 2PE C . 6.39 -10.62 -0.09
C3 2PE C . 5.98 -9.19 0.22
O4 2PE C . 5.43 -9.10 1.53
C5 2PE C . 5.09 -7.72 1.76
C6 2PE C . 4.55 -7.55 3.19
O7 2PE C . 4.13 -6.20 3.42
C8 2PE C . 5.28 -5.47 3.90
C9 2PE C . 4.85 -4.29 4.78
O10 2PE C . 4.34 -4.74 6.04
C11 2PE C . 4.77 -3.82 7.04
C12 2PE C . 4.25 -4.27 8.41
O13 2PE C . 5.03 -3.70 9.46
C14 2PE C . 4.32 -2.58 10.00
C15 2PE C . 5.31 -1.48 10.37
O16 2PE C . 4.86 -0.22 9.87
C17 2PE C . 5.80 0.22 8.90
C18 2PE C . 5.12 1.15 7.90
O19 2PE C . 5.61 0.92 6.58
C20 2PE C . 4.98 -0.28 6.09
C21 2PE C . 3.83 0.09 5.15
O22 2PE C . 3.08 -1.10 4.84
C23 2PE C . 1.73 -0.70 4.59
C24 2PE C . 0.78 -1.85 4.96
O25 2PE C . -0.36 -1.34 5.65
C26 2PE C . -1.20 -2.47 5.94
C27 2PE C . -2.64 -2.04 6.14
O28 2PE C . -3.48 -2.80 5.27
#